data_6CBV
#
_entry.id   6CBV
#
_cell.length_a   87.954
_cell.length_b   87.954
_cell.length_c   159.107
_cell.angle_alpha   90.000
_cell.angle_beta   90.000
_cell.angle_gamma   120.000
#
_symmetry.space_group_name_H-M   'P 65'
#
loop_
_entity.id
_entity.type
_entity.pdbx_description
1 polymer 'Heavy chain, Fab fragment'
2 polymer 'Light Chain, Fab fragment'
3 polymer BRIL
4 non-polymer GLYCEROL
5 non-polymer 'FORMIC ACID'
6 non-polymer 'SODIUM ION'
7 water water
#
loop_
_entity_poly.entity_id
_entity_poly.type
_entity_poly.pdbx_seq_one_letter_code
_entity_poly.pdbx_strand_id
1 'polypeptide(L)'
;EISEVQLVESGGGLVQPGGSLRLSCAASGFNVVDFSLHWVRQAPGKGLEWVAYISSSSGSTSYADSVKGRFTISADTSKN
TAYLQMNSLRAEDTAVYYCARWGYWPGEPWWKAFDYWGQGTLVTVSSASTKGPSVFPLAPSSKSTSGGTAALGCLVKDYF
PEPVTVSWNSGALTSGVHTFPAVLQSSGLYSLSSVVTVPSSSLGTQTYICNVNHKPSNTKVDKKVEPKS
;
H
2 'polypeptide(L)'
;SDIQMTQSPSSLSASVGDRVTITCRASQSVSSAVAWYQQKPGKAPKLLIYSASSLYSGVPSRFSGSRSGTDFTLTISSLQ
PEDFATYYCQQYLYYSLVTFGQGTKVEIKRTVAAPSVFIFPPSDSQLKSGTASVVCLLNNFYPREAKVQWKVDNALQSGN
SQESVTEQDSKDSTYSLSSTLTLSKADYEKHKVYACEVTHQGLSSPVTKSFNRG
;
L
3 'polypeptide(L)'
;ADLEDNWETLNDNLKVIEKADNAAQVKDALTKMRAAALDAQKATPPKLEDKSPDSPEMKDFRHGFDILVGQIDDALKLAN
EGKVKEAQAAAEQLKTTRNAYIQKYL
;
B
#
# COMPACT_ATOMS: atom_id res chain seq x y z
N SER A 3 -12.69 -11.56 17.77
CA SER A 3 -11.47 -12.33 18.05
C SER A 3 -10.33 -11.91 17.13
N GLU A 4 -10.48 -10.77 16.45
CA GLU A 4 -9.47 -10.31 15.51
C GLU A 4 -9.15 -8.85 15.76
N VAL A 5 -7.86 -8.53 15.74
CA VAL A 5 -7.41 -7.15 15.83
C VAL A 5 -7.70 -6.45 14.50
N GLN A 6 -8.19 -5.21 14.57
CA GLN A 6 -8.30 -4.43 13.36
C GLN A 6 -8.21 -2.95 13.69
N LEU A 7 -7.80 -2.18 12.69
CA LEU A 7 -7.73 -0.74 12.74
C LEU A 7 -8.55 -0.22 11.56
N VAL A 8 -9.29 0.86 11.78
CA VAL A 8 -10.16 1.42 10.75
C VAL A 8 -9.90 2.92 10.69
N GLU A 9 -9.27 3.37 9.61
CA GLU A 9 -9.13 4.78 9.34
C GLU A 9 -10.41 5.35 8.74
N SER A 10 -10.70 6.60 9.07
CA SER A 10 -11.82 7.30 8.46
C SER A 10 -11.51 8.79 8.46
N GLY A 11 -12.36 9.54 7.75
CA GLY A 11 -12.20 10.98 7.61
C GLY A 11 -11.56 11.41 6.32
N GLY A 12 -11.17 10.49 5.46
CA GLY A 12 -10.50 10.86 4.23
C GLY A 12 -11.46 11.41 3.19
N GLY A 13 -10.92 12.21 2.30
CA GLY A 13 -11.73 12.77 1.24
C GLY A 13 -11.07 13.98 0.62
N LEU A 14 -11.89 14.85 0.06
CA LEU A 14 -11.43 16.03 -0.64
C LEU A 14 -11.24 17.18 0.35
N VAL A 15 -10.13 17.89 0.21
CA VAL A 15 -9.87 19.10 0.98
C VAL A 15 -9.20 20.10 0.03
N GLN A 16 -9.63 21.37 0.12
CA GLN A 16 -9.02 22.40 -0.71
C GLN A 16 -7.57 22.62 -0.29
N PRO A 17 -6.73 23.10 -1.19
CA PRO A 17 -5.34 23.41 -0.81
C PRO A 17 -5.29 24.45 0.31
N GLY A 18 -4.41 24.21 1.28
CA GLY A 18 -4.34 25.05 2.45
C GLY A 18 -5.37 24.75 3.51
N GLY A 19 -6.29 23.82 3.24
CA GLY A 19 -7.32 23.48 4.20
C GLY A 19 -6.84 22.49 5.24
N SER A 20 -7.76 22.11 6.12
CA SER A 20 -7.49 21.18 7.20
C SER A 20 -8.41 19.98 7.11
N LEU A 21 -7.94 18.86 7.65
CA LEU A 21 -8.71 17.62 7.67
C LEU A 21 -8.20 16.79 8.84
N ARG A 22 -9.12 16.10 9.53
CA ARG A 22 -8.74 15.25 10.65
C ARG A 22 -9.07 13.81 10.32
N LEU A 23 -8.07 12.95 10.35
CA LEU A 23 -8.25 11.52 10.17
C LEU A 23 -8.38 10.85 11.53
N SER A 24 -9.16 9.76 11.57
CA SER A 24 -9.30 8.96 12.77
C SER A 24 -8.80 7.56 12.50
N CYS A 25 -8.29 6.92 13.56
CA CYS A 25 -7.84 5.53 13.51
C CYS A 25 -8.49 4.85 14.72
N ALA A 26 -9.55 4.09 14.48
CA ALA A 26 -10.31 3.44 15.54
C ALA A 26 -9.78 2.02 15.71
N ALA A 27 -9.30 1.71 16.91
CA ALA A 27 -8.81 0.37 17.23
C ALA A 27 -9.95 -0.49 17.76
N SER A 28 -9.93 -1.77 17.41
CA SER A 28 -10.78 -2.74 18.08
C SER A 28 -9.99 -4.03 18.24
N GLY A 29 -10.33 -4.77 19.29
CA GLY A 29 -9.58 -5.96 19.65
C GLY A 29 -8.38 -5.72 20.52
N PHE A 30 -7.93 -4.47 20.65
CA PHE A 30 -6.81 -4.15 21.52
C PHE A 30 -6.98 -2.71 22.02
N ASN A 31 -6.19 -2.37 23.02
CA ASN A 31 -6.23 -1.07 23.69
C ASN A 31 -5.11 -0.20 23.16
N VAL A 32 -5.45 1.01 22.71
CA VAL A 32 -4.43 1.92 22.19
C VAL A 32 -3.43 2.32 23.28
N VAL A 33 -3.81 2.14 24.55
CA VAL A 33 -2.88 2.40 25.64
C VAL A 33 -1.75 1.38 25.64
N ASP A 34 -1.99 0.20 25.06
CA ASP A 34 -1.02 -0.90 25.12
C ASP A 34 -0.04 -0.90 23.95
N PHE A 35 -0.26 -0.08 22.92
CA PHE A 35 0.54 -0.07 21.71
C PHE A 35 0.82 1.37 21.30
N SER A 36 1.96 1.60 20.68
CA SER A 36 2.13 2.84 19.94
C SER A 36 1.35 2.77 18.63
N LEU A 37 0.94 3.93 18.13
CA LEU A 37 0.16 4.03 16.91
C LEU A 37 0.86 4.96 15.93
N HIS A 38 0.97 4.53 14.67
CA HIS A 38 1.76 5.23 13.68
C HIS A 38 0.92 5.50 12.43
N TRP A 39 1.26 6.56 11.72
CA TRP A 39 0.64 6.86 10.44
C TRP A 39 1.68 6.72 9.35
N VAL A 40 1.34 5.96 8.32
CA VAL A 40 2.17 5.75 7.14
C VAL A 40 1.33 6.10 5.93
N ARG A 41 1.87 6.91 5.01
CA ARG A 41 1.10 7.32 3.84
C ARG A 41 1.77 6.85 2.56
N GLN A 42 0.97 6.76 1.50
CA GLN A 42 1.46 6.33 0.20
C GLN A 42 0.81 7.18 -0.89
N ALA A 43 1.60 8.07 -1.48
CA ALA A 43 1.14 8.86 -2.60
C ALA A 43 0.85 7.95 -3.79
N PRO A 44 -0.02 8.37 -4.72
CA PRO A 44 -0.35 7.50 -5.87
C PRO A 44 0.86 7.05 -6.64
N GLY A 45 1.02 5.72 -6.78
CA GLY A 45 2.11 5.13 -7.51
C GLY A 45 3.46 5.17 -6.83
N LYS A 46 3.54 5.70 -5.60
CA LYS A 46 4.80 5.90 -4.90
C LYS A 46 4.95 4.88 -3.77
N GLY A 47 6.01 5.03 -2.98
CA GLY A 47 6.31 4.12 -1.90
C GLY A 47 5.68 4.54 -0.59
N LEU A 48 6.08 3.84 0.47
CA LEU A 48 5.57 4.10 1.82
C LEU A 48 6.41 5.18 2.49
N GLU A 49 5.74 6.11 3.15
CA GLU A 49 6.41 7.19 3.88
C GLU A 49 5.82 7.27 5.29
N TRP A 50 6.67 7.04 6.29
CA TRP A 50 6.25 7.21 7.69
C TRP A 50 5.96 8.69 7.99
N VAL A 51 4.86 8.94 8.69
CA VAL A 51 4.32 10.28 8.88
C VAL A 51 4.47 10.76 10.31
N ALA A 52 4.02 9.96 11.28
CA ALA A 52 3.93 10.38 12.67
C ALA A 52 3.59 9.18 13.54
N TYR A 53 3.78 9.35 14.84
CA TYR A 53 3.38 8.33 15.80
C TYR A 53 3.03 9.00 17.11
N ILE A 54 2.26 8.30 17.92
CA ILE A 54 1.89 8.76 19.26
C ILE A 54 1.89 7.56 20.20
N SER A 55 2.39 7.78 21.40
CA SER A 55 2.20 6.87 22.52
C SER A 55 1.02 7.39 23.33
N SER A 56 -0.07 6.64 23.33
CA SER A 56 -1.24 7.06 24.11
CA SER A 56 -1.24 7.06 24.11
C SER A 56 -0.96 7.03 25.59
N SER A 57 -0.08 6.12 26.05
CA SER A 57 0.20 6.00 27.47
C SER A 57 1.05 7.16 27.99
N SER A 58 2.08 7.56 27.25
CA SER A 58 2.98 8.61 27.73
C SER A 58 2.63 9.99 27.22
N GLY A 59 2.03 10.07 26.03
CA GLY A 59 1.83 11.34 25.37
C GLY A 59 2.91 11.71 24.37
N SER A 60 3.97 10.91 24.25
CA SER A 60 5.08 11.29 23.38
CA SER A 60 5.09 11.27 23.39
C SER A 60 4.71 11.10 21.92
N THR A 61 5.25 11.99 21.08
CA THR A 61 4.95 12.02 19.66
C THR A 61 6.24 12.26 18.88
N SER A 62 6.18 12.04 17.57
CA SER A 62 7.21 12.46 16.63
C SER A 62 6.58 12.57 15.24
N TYR A 63 7.22 13.35 14.38
CA TYR A 63 6.71 13.59 13.04
C TYR A 63 7.83 13.53 12.03
N ALA A 64 7.48 13.20 10.78
CA ALA A 64 8.40 13.34 9.68
C ALA A 64 8.65 14.82 9.41
N ASP A 65 9.88 15.14 9.02
CA ASP A 65 10.20 16.53 8.66
C ASP A 65 9.26 17.07 7.59
N SER A 66 8.73 16.20 6.74
CA SER A 66 7.87 16.66 5.65
C SER A 66 6.51 17.16 6.13
N VAL A 67 6.09 16.82 7.35
CA VAL A 67 4.81 17.28 7.89
C VAL A 67 4.96 18.03 9.20
N LYS A 68 6.18 18.19 9.70
CA LYS A 68 6.38 18.82 11.01
C LYS A 68 5.91 20.27 10.97
N GLY A 69 5.15 20.67 11.99
CA GLY A 69 4.59 22.00 12.06
C GLY A 69 3.23 22.14 11.41
N ARG A 70 2.84 21.20 10.56
CA ARG A 70 1.52 21.20 9.93
C ARG A 70 0.58 20.13 10.48
N PHE A 71 1.11 18.97 10.86
CA PHE A 71 0.30 17.87 11.35
C PHE A 71 0.41 17.79 12.88
N THR A 72 -0.68 17.37 13.52
CA THR A 72 -0.71 17.12 14.94
C THR A 72 -1.40 15.80 15.18
N ILE A 73 -0.76 14.91 15.93
CA ILE A 73 -1.32 13.60 16.24
C ILE A 73 -1.77 13.60 17.69
N SER A 74 -2.90 12.93 17.96
CA SER A 74 -3.45 12.87 19.30
C SER A 74 -4.22 11.57 19.46
N ALA A 75 -4.66 11.31 20.69
CA ALA A 75 -5.39 10.09 20.98
C ALA A 75 -6.42 10.36 22.06
N ASP A 76 -7.53 9.63 21.99
CA ASP A 76 -8.57 9.62 23.00
C ASP A 76 -8.67 8.16 23.46
N THR A 77 -8.15 7.88 24.66
CA THR A 77 -8.13 6.51 25.15
C THR A 77 -9.53 5.98 25.43
N SER A 78 -10.45 6.85 25.83
CA SER A 78 -11.80 6.37 26.17
C SER A 78 -12.52 5.80 24.96
N LYS A 79 -12.30 6.36 23.77
CA LYS A 79 -12.88 5.80 22.56
C LYS A 79 -11.88 5.02 21.73
N ASN A 80 -10.70 4.72 22.28
CA ASN A 80 -9.75 3.80 21.67
C ASN A 80 -9.42 4.22 20.24
N THR A 81 -9.13 5.51 20.06
CA THR A 81 -8.96 6.08 18.74
C THR A 81 -7.82 7.08 18.74
N ALA A 82 -7.05 7.07 17.66
CA ALA A 82 -6.01 8.06 17.42
C ALA A 82 -6.45 8.99 16.30
N TYR A 83 -5.94 10.22 16.32
CA TYR A 83 -6.31 11.22 15.34
C TYR A 83 -5.06 11.83 14.70
N LEU A 84 -5.17 12.13 13.41
CA LEU A 84 -4.14 12.89 12.69
C LEU A 84 -4.79 14.15 12.16
N GLN A 85 -4.48 15.28 12.79
CA GLN A 85 -4.99 16.58 12.37
C GLN A 85 -3.99 17.17 11.38
N MET A 86 -4.43 17.41 10.15
CA MET A 86 -3.57 17.84 9.06
C MET A 86 -3.95 19.23 8.64
N ASN A 87 -3.02 20.17 8.75
CA ASN A 87 -3.28 21.57 8.41
C ASN A 87 -2.40 21.98 7.23
N SER A 88 -2.76 23.10 6.62
CA SER A 88 -2.03 23.65 5.48
C SER A 88 -1.76 22.57 4.44
N LEU A 89 -2.80 21.84 4.08
CA LEU A 89 -2.64 20.71 3.17
C LEU A 89 -2.25 21.21 1.78
N ARG A 90 -1.40 20.44 1.12
CA ARG A 90 -0.91 20.76 -0.21
C ARG A 90 -1.09 19.54 -1.10
N ALA A 91 -0.96 19.75 -2.41
CA ALA A 91 -1.23 18.68 -3.36
C ALA A 91 -0.39 17.44 -3.07
N GLU A 92 0.85 17.62 -2.62
CA GLU A 92 1.73 16.49 -2.36
CA GLU A 92 1.72 16.48 -2.37
C GLU A 92 1.38 15.75 -1.09
N ASP A 93 0.39 16.21 -0.32
CA ASP A 93 -0.15 15.42 0.78
C ASP A 93 -1.18 14.41 0.33
N THR A 94 -1.56 14.45 -0.96
CA THR A 94 -2.51 13.49 -1.50
C THR A 94 -1.91 12.09 -1.43
N ALA A 95 -2.59 11.20 -0.72
CA ALA A 95 -2.05 9.88 -0.44
C ALA A 95 -3.12 9.05 0.24
N VAL A 96 -2.93 7.74 0.21
CA VAL A 96 -3.65 6.86 1.12
C VAL A 96 -2.93 6.89 2.46
N TYR A 97 -3.66 7.22 3.51
CA TYR A 97 -3.09 7.28 4.85
C TYR A 97 -3.46 6.02 5.61
N TYR A 98 -2.45 5.28 6.04
CA TYR A 98 -2.64 4.06 6.82
C TYR A 98 -2.26 4.32 8.27
N CYS A 99 -2.98 3.70 9.18
CA CYS A 99 -2.53 3.67 10.57
CA CYS A 99 -2.61 3.66 10.59
C CYS A 99 -2.17 2.24 10.93
N ALA A 100 -1.17 2.11 11.80
CA ALA A 100 -0.67 0.80 12.16
C ALA A 100 -0.16 0.85 13.58
N ARG A 101 -0.25 -0.29 14.26
CA ARG A 101 0.21 -0.39 15.62
C ARG A 101 1.62 -0.96 15.66
N TRP A 102 2.32 -0.69 16.76
CA TRP A 102 3.66 -1.21 16.96
C TRP A 102 3.88 -1.27 18.47
N GLY A 103 4.16 -2.47 18.98
CA GLY A 103 4.24 -2.70 20.40
C GLY A 103 5.42 -2.01 21.06
N TYR A 104 5.37 -1.96 22.38
CA TYR A 104 6.32 -1.21 23.17
C TYR A 104 7.52 -2.06 23.56
N TRP A 105 8.66 -1.40 23.71
CA TRP A 105 9.84 -2.01 24.32
C TRP A 105 9.64 -2.12 25.82
N PRO A 106 10.12 -3.20 26.46
CA PRO A 106 10.82 -4.39 25.97
C PRO A 106 9.87 -5.50 25.58
N GLY A 107 10.35 -6.49 24.83
CA GLY A 107 9.61 -7.70 24.57
C GLY A 107 9.38 -7.93 23.08
N GLU A 108 8.95 -9.16 22.80
CA GLU A 108 8.56 -9.53 21.43
C GLU A 108 7.62 -8.54 20.75
N PRO A 109 6.63 -7.92 21.43
CA PRO A 109 5.77 -6.97 20.72
C PRO A 109 6.53 -5.83 20.03
N TRP A 110 7.61 -5.34 20.63
CA TRP A 110 8.37 -4.30 19.94
C TRP A 110 8.97 -4.84 18.64
N TRP A 111 9.49 -6.06 18.66
CA TRP A 111 10.17 -6.62 17.51
C TRP A 111 9.22 -6.91 16.34
N LYS A 112 7.91 -6.97 16.58
CA LYS A 112 7.01 -7.34 15.49
C LYS A 112 6.64 -6.17 14.59
N ALA A 113 7.07 -4.96 14.92
CA ALA A 113 6.95 -3.79 14.02
C ALA A 113 5.47 -3.60 13.69
N PHE A 114 5.13 -3.23 12.45
CA PHE A 114 3.76 -2.95 12.06
C PHE A 114 3.04 -4.27 11.71
N ASP A 115 2.60 -4.98 12.75
CA ASP A 115 1.97 -6.28 12.46
C ASP A 115 0.51 -6.14 12.03
N TYR A 116 -0.16 -5.07 12.43
CA TYR A 116 -1.54 -4.81 12.00
C TYR A 116 -1.66 -3.40 11.45
N TRP A 117 -2.24 -3.28 10.27
CA TRP A 117 -2.50 -2.01 9.61
C TRP A 117 -3.99 -1.86 9.36
N GLY A 118 -4.47 -0.62 9.34
CA GLY A 118 -5.81 -0.35 8.86
C GLY A 118 -5.87 -0.51 7.35
N GLN A 119 -7.09 -0.31 6.81
CA GLN A 119 -7.28 -0.50 5.38
C GLN A 119 -6.87 0.72 4.57
N GLY A 120 -6.67 1.86 5.22
CA GLY A 120 -6.21 3.07 4.56
C GLY A 120 -7.37 3.94 4.12
N THR A 121 -7.16 5.26 4.15
CA THR A 121 -8.16 6.22 3.70
C THR A 121 -7.48 7.25 2.80
N LEU A 122 -8.13 7.56 1.69
CA LEU A 122 -7.53 8.42 0.66
C LEU A 122 -7.84 9.88 0.95
N VAL A 123 -6.79 10.71 1.03
CA VAL A 123 -6.93 12.15 1.14
C VAL A 123 -6.54 12.75 -0.21
N THR A 124 -7.43 13.58 -0.77
CA THR A 124 -7.20 14.25 -2.04
C THR A 124 -7.18 15.75 -1.81
N VAL A 125 -6.06 16.38 -2.10
CA VAL A 125 -5.90 17.83 -1.94
C VAL A 125 -6.01 18.45 -3.33
N SER A 126 -7.07 19.22 -3.55
CA SER A 126 -7.35 19.74 -4.88
C SER A 126 -8.35 20.89 -4.79
N SER A 127 -8.24 21.82 -5.74
CA SER A 127 -9.17 22.95 -5.78
C SER A 127 -10.55 22.57 -6.28
N ALA A 128 -10.71 21.38 -6.85
CA ALA A 128 -11.97 20.98 -7.45
C ALA A 128 -13.03 20.76 -6.37
N SER A 129 -14.23 20.37 -6.81
CA SER A 129 -15.33 20.09 -5.91
C SER A 129 -15.72 18.61 -6.00
N THR A 130 -16.46 18.17 -4.99
CA THR A 130 -16.98 16.81 -4.98
C THR A 130 -18.09 16.65 -6.02
N LYS A 131 -18.04 15.57 -6.78
CA LYS A 131 -19.05 15.29 -7.80
C LYS A 131 -19.31 13.78 -7.83
N GLY A 132 -20.58 13.40 -7.70
CA GLY A 132 -20.95 12.00 -7.73
C GLY A 132 -21.01 11.45 -9.15
N PRO A 133 -20.83 10.14 -9.30
CA PRO A 133 -20.72 9.57 -10.64
C PRO A 133 -22.08 9.40 -11.31
N SER A 134 -22.03 9.34 -12.64
CA SER A 134 -23.13 8.82 -13.44
C SER A 134 -22.77 7.39 -13.85
N VAL A 135 -23.76 6.49 -13.83
CA VAL A 135 -23.51 5.07 -14.06
C VAL A 135 -24.31 4.62 -15.28
N PHE A 136 -23.62 4.04 -16.26
CA PHE A 136 -24.24 3.63 -17.50
C PHE A 136 -23.98 2.15 -17.76
N PRO A 137 -24.92 1.45 -18.41
CA PRO A 137 -24.71 0.04 -18.69
C PRO A 137 -23.70 -0.18 -19.82
N LEU A 138 -22.91 -1.22 -19.68
CA LEU A 138 -22.13 -1.77 -20.80
C LEU A 138 -22.88 -3.02 -21.26
N ALA A 139 -23.64 -2.90 -22.34
CA ALA A 139 -24.59 -3.99 -22.49
C ALA A 139 -24.08 -5.04 -23.47
N PRO A 140 -24.26 -6.32 -23.12
CA PRO A 140 -23.71 -7.39 -23.97
C PRO A 140 -24.32 -7.38 -25.36
N SER A 141 -23.49 -7.72 -26.35
CA SER A 141 -23.93 -7.74 -27.73
C SER A 141 -25.02 -8.77 -27.95
N SER A 142 -26.01 -8.41 -28.77
CA SER A 142 -27.07 -9.35 -29.13
C SER A 142 -26.52 -10.55 -29.89
N LYS A 143 -25.35 -10.43 -30.50
CA LYS A 143 -24.68 -11.51 -31.21
C LYS A 143 -23.92 -12.45 -30.28
N SER A 144 -24.25 -12.47 -28.99
CA SER A 144 -23.59 -13.39 -28.07
C SER A 144 -23.88 -14.83 -28.47
N THR A 145 -22.86 -15.69 -28.31
CA THR A 145 -22.96 -17.06 -28.78
C THR A 145 -24.07 -17.82 -28.05
N SER A 146 -24.55 -18.87 -28.71
CA SER A 146 -25.63 -19.71 -28.16
C SER A 146 -25.02 -20.63 -27.11
N GLY A 147 -25.12 -20.23 -25.85
CA GLY A 147 -24.55 -21.02 -24.77
C GLY A 147 -23.05 -20.93 -24.70
N GLY A 148 -22.53 -19.70 -24.66
CA GLY A 148 -21.10 -19.47 -24.58
C GLY A 148 -20.72 -18.61 -23.40
N THR A 149 -20.22 -17.41 -23.67
CA THR A 149 -19.83 -16.48 -22.61
C THR A 149 -20.14 -15.06 -23.04
N ALA A 150 -20.84 -14.33 -22.19
CA ALA A 150 -21.20 -12.95 -22.45
C ALA A 150 -20.47 -12.04 -21.48
N ALA A 151 -20.11 -10.85 -21.97
CA ALA A 151 -19.53 -9.80 -21.14
C ALA A 151 -20.55 -8.68 -20.97
N LEU A 152 -20.64 -8.14 -19.76
CA LEU A 152 -21.49 -7.00 -19.47
C LEU A 152 -20.81 -6.21 -18.36
N GLY A 153 -21.26 -4.99 -18.15
CA GLY A 153 -20.61 -4.18 -17.13
C GLY A 153 -21.33 -2.88 -16.88
N CYS A 154 -20.69 -2.04 -16.07
CA CYS A 154 -21.14 -0.66 -15.89
C CYS A 154 -19.97 0.30 -16.05
N LEU A 155 -20.27 1.41 -16.71
CA LEU A 155 -19.33 2.50 -16.89
C LEU A 155 -19.69 3.57 -15.86
N VAL A 156 -18.72 3.91 -15.02
CA VAL A 156 -18.92 4.85 -13.92
C VAL A 156 -18.18 6.14 -14.29
N LYS A 157 -18.93 7.17 -14.68
CA LYS A 157 -18.39 8.34 -15.35
C LYS A 157 -18.41 9.58 -14.47
N ASP A 158 -17.35 10.37 -14.56
CA ASP A 158 -17.34 11.77 -14.15
C ASP A 158 -17.57 11.97 -12.67
N TYR A 159 -16.72 11.38 -11.84
CA TYR A 159 -16.79 11.60 -10.40
C TYR A 159 -15.46 12.15 -9.87
N PHE A 160 -15.52 12.69 -8.65
CA PHE A 160 -14.35 13.23 -7.97
C PHE A 160 -14.69 13.44 -6.50
N PRO A 161 -13.75 13.18 -5.58
CA PRO A 161 -12.45 12.55 -5.83
C PRO A 161 -12.61 11.04 -5.95
N GLU A 162 -11.49 10.33 -6.08
CA GLU A 162 -11.50 8.90 -5.84
C GLU A 162 -11.81 8.65 -4.36
N PRO A 163 -12.25 7.42 -4.00
CA PRO A 163 -12.54 6.25 -4.82
C PRO A 163 -14.03 6.03 -5.01
N VAL A 164 -14.39 5.18 -5.98
CA VAL A 164 -15.69 4.52 -5.98
C VAL A 164 -15.42 3.04 -5.76
N THR A 165 -16.39 2.37 -5.15
CA THR A 165 -16.39 0.93 -5.07
C THR A 165 -17.51 0.38 -5.93
N VAL A 166 -17.27 -0.78 -6.52
CA VAL A 166 -18.27 -1.47 -7.34
C VAL A 166 -18.37 -2.90 -6.84
N SER A 167 -19.59 -3.33 -6.57
CA SER A 167 -19.90 -4.75 -6.40
C SER A 167 -20.97 -5.13 -7.41
N TRP A 168 -21.24 -6.42 -7.52
CA TRP A 168 -22.25 -6.94 -8.43
C TRP A 168 -23.23 -7.79 -7.64
N ASN A 169 -24.53 -7.56 -7.88
CA ASN A 169 -25.60 -8.30 -7.19
C ASN A 169 -25.40 -8.29 -5.68
N SER A 170 -25.07 -7.12 -5.14
CA SER A 170 -24.90 -6.92 -3.70
C SER A 170 -23.84 -7.83 -3.12
N GLY A 171 -22.82 -8.16 -3.91
CA GLY A 171 -21.73 -8.99 -3.46
C GLY A 171 -21.90 -10.48 -3.68
N ALA A 172 -23.03 -10.91 -4.25
CA ALA A 172 -23.22 -12.33 -4.52
C ALA A 172 -22.46 -12.81 -5.75
N LEU A 173 -22.12 -11.92 -6.68
CA LEU A 173 -21.37 -12.27 -7.88
C LEU A 173 -19.97 -11.67 -7.79
N THR A 174 -18.97 -12.55 -7.70
CA THR A 174 -17.57 -12.09 -7.62
C THR A 174 -16.70 -12.74 -8.68
N SER A 175 -17.09 -13.93 -9.15
CA SER A 175 -16.29 -14.65 -10.12
C SER A 175 -16.33 -13.95 -11.48
N GLY A 176 -15.16 -13.79 -12.09
CA GLY A 176 -15.07 -13.17 -13.41
C GLY A 176 -15.26 -11.66 -13.42
N VAL A 177 -15.32 -11.02 -12.26
CA VAL A 177 -15.45 -9.57 -12.20
C VAL A 177 -14.09 -8.93 -12.39
N HIS A 178 -14.01 -7.92 -13.26
CA HIS A 178 -12.84 -7.06 -13.37
C HIS A 178 -13.28 -5.62 -13.23
N THR A 179 -12.83 -4.96 -12.17
CA THR A 179 -13.07 -3.54 -11.96
C THR A 179 -11.76 -2.81 -12.21
N PHE A 180 -11.74 -1.95 -13.24
CA PHE A 180 -10.49 -1.38 -13.72
C PHE A 180 -10.06 -0.20 -12.86
N PRO A 181 -8.76 0.08 -12.81
CA PRO A 181 -8.31 1.33 -12.18
C PRO A 181 -8.95 2.53 -12.85
N ALA A 182 -9.30 3.53 -12.04
CA ALA A 182 -9.89 4.74 -12.60
C ALA A 182 -8.89 5.45 -13.51
N VAL A 183 -9.43 6.18 -14.49
CA VAL A 183 -8.65 6.99 -15.41
C VAL A 183 -9.05 8.44 -15.22
N LEU A 184 -8.04 9.33 -15.20
CA LEU A 184 -8.27 10.76 -15.04
C LEU A 184 -8.57 11.39 -16.39
N GLN A 185 -9.75 11.99 -16.55
CA GLN A 185 -10.07 12.63 -17.81
CA GLN A 185 -10.11 12.67 -17.79
C GLN A 185 -9.47 14.04 -17.86
N SER A 186 -9.43 14.61 -19.07
CA SER A 186 -8.87 15.95 -19.20
C SER A 186 -9.68 16.97 -18.42
N SER A 187 -10.97 16.70 -18.19
CA SER A 187 -11.81 17.57 -17.39
C SER A 187 -11.45 17.57 -15.91
N GLY A 188 -10.56 16.67 -15.49
CA GLY A 188 -10.22 16.55 -14.09
C GLY A 188 -11.05 15.56 -13.32
N LEU A 189 -12.04 14.94 -13.96
CA LEU A 189 -12.89 13.93 -13.32
C LEU A 189 -12.38 12.54 -13.62
N TYR A 190 -12.76 11.59 -12.77
CA TYR A 190 -12.40 10.19 -12.97
C TYR A 190 -13.52 9.41 -13.64
N SER A 191 -13.15 8.30 -14.26
CA SER A 191 -14.12 7.31 -14.71
C SER A 191 -13.46 5.95 -14.62
N LEU A 192 -14.29 4.92 -14.45
CA LEU A 192 -13.82 3.55 -14.50
C LEU A 192 -14.93 2.67 -15.02
N SER A 193 -14.56 1.48 -15.44
CA SER A 193 -15.51 0.45 -15.82
C SER A 193 -15.33 -0.76 -14.92
N SER A 194 -16.43 -1.47 -14.69
CA SER A 194 -16.40 -2.76 -14.03
C SER A 194 -17.16 -3.72 -14.94
N VAL A 195 -16.56 -4.86 -15.25
CA VAL A 195 -17.14 -5.81 -16.17
C VAL A 195 -17.18 -7.18 -15.51
N VAL A 196 -17.99 -8.08 -16.08
CA VAL A 196 -18.05 -9.45 -15.62
C VAL A 196 -18.43 -10.32 -16.80
N THR A 197 -17.87 -11.52 -16.85
CA THR A 197 -18.23 -12.51 -17.86
C THR A 197 -19.06 -13.59 -17.21
N VAL A 198 -20.14 -13.97 -17.87
CA VAL A 198 -21.11 -14.94 -17.37
C VAL A 198 -21.49 -15.87 -18.50
N PRO A 199 -22.08 -17.03 -18.19
CA PRO A 199 -22.62 -17.89 -19.24
C PRO A 199 -23.76 -17.19 -19.98
N SER A 200 -23.74 -17.29 -21.31
CA SER A 200 -24.79 -16.67 -22.10
C SER A 200 -26.16 -17.24 -21.75
N SER A 201 -26.23 -18.52 -21.39
CA SER A 201 -27.48 -19.19 -21.04
C SER A 201 -28.08 -18.69 -19.74
N SER A 202 -27.47 -17.70 -19.07
CA SER A 202 -28.01 -17.15 -17.84
C SER A 202 -28.51 -15.71 -18.00
N LEU A 203 -28.40 -15.14 -19.20
CA LEU A 203 -28.83 -13.76 -19.40
C LEU A 203 -30.34 -13.60 -19.28
N GLY A 204 -31.09 -14.65 -19.59
CA GLY A 204 -32.54 -14.61 -19.55
C GLY A 204 -33.19 -15.30 -18.37
N THR A 205 -32.43 -15.71 -17.35
CA THR A 205 -32.99 -16.35 -16.17
C THR A 205 -32.48 -15.71 -14.88
N GLN A 206 -31.79 -14.58 -14.96
CA GLN A 206 -31.05 -14.04 -13.83
C GLN A 206 -30.63 -12.61 -14.17
N THR A 207 -30.78 -11.70 -13.22
CA THR A 207 -30.42 -10.31 -13.44
C THR A 207 -28.99 -10.04 -12.98
N TYR A 208 -28.41 -8.99 -13.53
CA TYR A 208 -27.08 -8.53 -13.17
C TYR A 208 -27.14 -7.04 -12.88
N ILE A 209 -26.87 -6.67 -11.64
CA ILE A 209 -26.96 -5.30 -11.16
C ILE A 209 -25.61 -4.94 -10.56
N CYS A 210 -25.05 -3.82 -11.00
N CYS A 210 -25.08 -3.78 -10.95
CA CYS A 210 -23.85 -3.28 -10.38
CA CYS A 210 -23.82 -3.30 -10.39
C CYS A 210 -24.26 -2.33 -9.27
C CYS A 210 -24.11 -2.21 -9.36
N ASN A 211 -23.52 -2.37 -8.16
CA ASN A 211 -23.77 -1.51 -7.02
C ASN A 211 -22.59 -0.56 -6.90
N VAL A 212 -22.83 0.72 -7.18
CA VAL A 212 -21.78 1.72 -7.23
C VAL A 212 -21.90 2.60 -5.99
N ASN A 213 -20.81 2.74 -5.25
CA ASN A 213 -20.79 3.57 -4.05
C ASN A 213 -19.67 4.58 -4.17
N HIS A 214 -20.01 5.86 -4.00
CA HIS A 214 -19.06 6.96 -4.00
C HIS A 214 -19.27 7.72 -2.69
N LYS A 215 -18.57 7.28 -1.64
CA LYS A 215 -18.76 7.88 -0.32
C LYS A 215 -18.52 9.39 -0.29
N PRO A 216 -17.53 9.97 -0.97
CA PRO A 216 -17.33 11.42 -0.86
C PRO A 216 -18.54 12.26 -1.26
N SER A 217 -19.44 11.72 -2.09
CA SER A 217 -20.67 12.42 -2.43
C SER A 217 -21.91 11.77 -1.84
N ASN A 218 -21.76 10.69 -1.06
CA ASN A 218 -22.88 9.93 -0.52
C ASN A 218 -23.78 9.42 -1.65
N THR A 219 -23.16 8.94 -2.71
CA THR A 219 -23.86 8.40 -3.86
C THR A 219 -23.83 6.89 -3.78
N LYS A 220 -25.01 6.27 -3.81
CA LYS A 220 -25.12 4.83 -4.02
C LYS A 220 -26.09 4.61 -5.16
N VAL A 221 -25.63 3.91 -6.21
CA VAL A 221 -26.38 3.70 -7.43
C VAL A 221 -26.41 2.20 -7.71
N ASP A 222 -27.60 1.66 -7.93
CA ASP A 222 -27.77 0.31 -8.45
C ASP A 222 -28.22 0.41 -9.90
N LYS A 223 -27.49 -0.25 -10.80
CA LYS A 223 -27.79 -0.21 -12.22
C LYS A 223 -27.98 -1.62 -12.75
N LYS A 224 -29.18 -1.91 -13.23
CA LYS A 224 -29.45 -3.17 -13.89
C LYS A 224 -28.87 -3.16 -15.30
N VAL A 225 -28.21 -4.25 -15.69
CA VAL A 225 -27.57 -4.36 -16.99
C VAL A 225 -28.19 -5.54 -17.71
N GLU A 226 -28.86 -5.27 -18.83
CA GLU A 226 -29.56 -6.29 -19.59
C GLU A 226 -29.21 -6.20 -21.06
N PRO A 227 -29.23 -7.33 -21.78
CA PRO A 227 -28.79 -7.34 -23.18
C PRO A 227 -29.61 -6.40 -24.05
N LYS A 228 -29.02 -6.04 -25.19
CA LYS A 228 -29.66 -5.16 -26.14
C LYS A 228 -30.73 -5.91 -26.95
N SER A 229 -31.61 -5.14 -27.56
CA SER A 229 -32.66 -5.70 -28.41
C SER A 229 -32.77 -4.94 -29.72
N ASP B 2 19.11 10.44 9.53
CA ASP B 2 18.18 9.83 8.57
C ASP B 2 18.77 8.55 7.99
N ILE B 3 18.32 7.40 8.49
CA ILE B 3 18.85 6.13 8.03
C ILE B 3 18.17 5.74 6.72
N GLN B 4 18.97 5.43 5.71
CA GLN B 4 18.48 5.08 4.39
C GLN B 4 18.44 3.56 4.23
N MET B 5 17.39 3.08 3.58
CA MET B 5 17.29 1.69 3.13
C MET B 5 17.29 1.70 1.60
N THR B 6 18.36 1.17 1.01
CA THR B 6 18.49 1.12 -0.45
C THR B 6 18.03 -0.25 -0.94
N GLN B 7 16.88 -0.29 -1.61
CA GLN B 7 16.28 -1.53 -2.06
C GLN B 7 16.52 -1.75 -3.55
N SER B 8 16.87 -2.98 -3.92
CA SER B 8 17.05 -3.36 -5.31
C SER B 8 16.57 -4.79 -5.51
N PRO B 9 16.09 -5.14 -6.72
CA PRO B 9 15.85 -4.24 -7.84
C PRO B 9 14.54 -3.49 -7.64
N SER B 10 14.26 -2.50 -8.49
CA SER B 10 12.98 -1.80 -8.38
C SER B 10 11.84 -2.63 -8.94
N SER B 11 12.13 -3.57 -9.84
CA SER B 11 11.10 -4.43 -10.41
C SER B 11 11.76 -5.68 -10.97
N LEU B 12 11.00 -6.76 -11.01
CA LEU B 12 11.48 -7.99 -11.64
C LEU B 12 10.29 -8.80 -12.13
N SER B 13 10.56 -9.63 -13.13
CA SER B 13 9.58 -10.56 -13.69
C SER B 13 10.15 -11.96 -13.58
N ALA B 14 9.36 -12.89 -13.05
CA ALA B 14 9.83 -14.24 -12.80
C ALA B 14 8.70 -15.24 -13.03
N SER B 15 9.08 -16.45 -13.43
CA SER B 15 8.13 -17.52 -13.69
C SER B 15 7.69 -18.18 -12.39
N VAL B 16 6.54 -18.85 -12.45
CA VAL B 16 6.08 -19.64 -11.31
C VAL B 16 7.10 -20.73 -11.02
N GLY B 17 7.49 -20.85 -9.75
CA GLY B 17 8.48 -21.82 -9.33
C GLY B 17 9.89 -21.27 -9.21
N ASP B 18 10.15 -20.09 -9.79
CA ASP B 18 11.46 -19.48 -9.70
C ASP B 18 11.76 -19.04 -8.28
N ARG B 19 13.05 -18.94 -7.96
CA ARG B 19 13.49 -18.38 -6.70
C ARG B 19 13.81 -16.91 -6.89
N VAL B 20 13.21 -16.05 -6.06
CA VAL B 20 13.30 -14.61 -6.19
C VAL B 20 14.04 -14.03 -5.00
N THR B 21 14.99 -13.15 -5.25
CA THR B 21 15.84 -12.54 -4.22
C THR B 21 15.71 -11.03 -4.28
N ILE B 22 15.32 -10.42 -3.17
CA ILE B 22 15.21 -8.97 -3.02
C ILE B 22 16.19 -8.55 -1.93
N THR B 23 16.94 -7.47 -2.18
CA THR B 23 17.95 -7.02 -1.23
C THR B 23 17.68 -5.60 -0.76
N CYS B 24 18.12 -5.32 0.47
CA CYS B 24 17.94 -4.03 1.10
CA CYS B 24 17.97 -4.01 1.07
C CYS B 24 19.20 -3.71 1.91
N ARG B 25 19.81 -2.57 1.64
CA ARG B 25 21.05 -2.14 2.30
C ARG B 25 20.74 -0.95 3.22
N ALA B 26 21.05 -1.10 4.51
CA ALA B 26 20.92 -0.02 5.47
C ALA B 26 22.19 0.82 5.47
N SER B 27 22.03 2.13 5.65
CA SER B 27 23.19 3.02 5.55
C SER B 27 24.05 2.99 6.80
N GLN B 28 23.49 2.56 7.94
CA GLN B 28 24.25 2.29 9.15
C GLN B 28 23.60 1.08 9.83
N SER B 29 24.15 0.67 10.97
CA SER B 29 23.63 -0.52 11.63
C SER B 29 22.24 -0.25 12.21
N VAL B 30 21.32 -1.19 11.99
CA VAL B 30 20.01 -1.13 12.61
C VAL B 30 19.77 -2.42 13.37
N SER B 31 20.86 -3.08 13.79
CA SER B 31 20.78 -4.41 14.36
C SER B 31 20.00 -5.31 13.40
N SER B 32 19.07 -6.10 13.93
CA SER B 32 18.19 -6.91 13.10
C SER B 32 16.79 -6.30 13.01
N ALA B 33 16.66 -5.00 13.28
CA ALA B 33 15.34 -4.35 13.27
C ALA B 33 14.96 -3.99 11.83
N VAL B 34 14.74 -5.03 11.03
CA VAL B 34 14.27 -4.87 9.66
C VAL B 34 13.08 -5.78 9.45
N ALA B 35 12.05 -5.26 8.80
CA ALA B 35 10.85 -6.00 8.44
C ALA B 35 10.65 -5.95 6.94
N TRP B 36 9.97 -6.97 6.40
CA TRP B 36 9.58 -7.04 5.00
C TRP B 36 8.06 -7.12 4.90
N TYR B 37 7.50 -6.35 3.98
CA TYR B 37 6.06 -6.31 3.78
C TYR B 37 5.72 -6.63 2.34
N GLN B 38 4.57 -7.26 2.16
CA GLN B 38 3.96 -7.52 0.87
C GLN B 38 2.75 -6.60 0.72
N GLN B 39 2.67 -5.86 -0.38
CA GLN B 39 1.53 -4.98 -0.60
C GLN B 39 0.87 -5.31 -1.93
N LYS B 40 -0.34 -5.81 -1.86
CA LYS B 40 -1.17 -5.96 -3.03
C LYS B 40 -1.72 -4.61 -3.48
N PRO B 41 -1.91 -4.41 -4.78
CA PRO B 41 -2.47 -3.14 -5.26
C PRO B 41 -3.82 -2.86 -4.64
N GLY B 42 -3.94 -1.68 -4.03
CA GLY B 42 -5.17 -1.25 -3.40
C GLY B 42 -5.34 -1.67 -1.95
N LYS B 43 -4.38 -2.36 -1.36
CA LYS B 43 -4.51 -2.92 -0.02
C LYS B 43 -3.36 -2.46 0.87
N ALA B 44 -3.60 -2.58 2.18
CA ALA B 44 -2.56 -2.28 3.15
C ALA B 44 -1.40 -3.27 3.03
N PRO B 45 -0.18 -2.83 3.30
CA PRO B 45 0.94 -3.77 3.36
C PRO B 45 0.66 -4.84 4.41
N LYS B 46 1.20 -6.03 4.16
CA LYS B 46 1.10 -7.14 5.11
C LYS B 46 2.50 -7.56 5.54
N LEU B 47 2.66 -7.76 6.83
CA LEU B 47 3.96 -8.15 7.36
C LEU B 47 4.29 -9.58 6.95
N LEU B 48 5.48 -9.78 6.39
CA LEU B 48 5.98 -11.11 6.07
C LEU B 48 7.02 -11.59 7.08
N ILE B 49 8.01 -10.75 7.36
CA ILE B 49 9.19 -11.13 8.14
C ILE B 49 9.49 -9.98 9.10
N TYR B 50 9.83 -10.32 10.34
CA TYR B 50 10.23 -9.33 11.32
C TYR B 50 11.54 -9.75 11.97
N SER B 51 12.21 -8.79 12.59
CA SER B 51 13.55 -9.00 13.14
C SER B 51 14.45 -9.71 12.14
N ALA B 52 14.39 -9.24 10.89
CA ALA B 52 15.25 -9.67 9.78
C ALA B 52 14.95 -11.08 9.26
N SER B 53 14.62 -12.02 10.15
CA SER B 53 14.54 -13.42 9.73
C SER B 53 13.40 -14.21 10.36
N SER B 54 12.59 -13.62 11.22
CA SER B 54 11.49 -14.34 11.84
C SER B 54 10.29 -14.33 10.91
N LEU B 55 9.79 -15.51 10.58
CA LEU B 55 8.59 -15.65 9.78
C LEU B 55 7.38 -15.22 10.60
N TYR B 56 6.62 -14.25 10.10
CA TYR B 56 5.42 -13.84 10.80
C TYR B 56 4.37 -14.94 10.72
N SER B 57 3.65 -15.14 11.84
CA SER B 57 2.66 -16.20 11.92
C SER B 57 1.63 -16.10 10.80
N GLY B 58 1.42 -17.21 10.10
CA GLY B 58 0.48 -17.29 9.01
C GLY B 58 1.08 -17.05 7.64
N VAL B 59 2.32 -16.61 7.56
CA VAL B 59 2.98 -16.40 6.27
C VAL B 59 3.55 -17.73 5.78
N PRO B 60 3.32 -18.11 4.52
CA PRO B 60 3.89 -19.36 4.01
C PRO B 60 5.41 -19.39 4.12
N SER B 61 5.95 -20.58 4.37
CA SER B 61 7.38 -20.75 4.61
C SER B 61 8.22 -20.60 3.34
N ARG B 62 7.63 -20.36 2.17
CA ARG B 62 8.45 -20.05 1.00
C ARG B 62 9.06 -18.65 1.08
N PHE B 63 8.56 -17.80 1.99
CA PHE B 63 9.20 -16.53 2.27
C PHE B 63 10.20 -16.71 3.40
N SER B 64 11.37 -16.09 3.26
CA SER B 64 12.39 -16.11 4.29
C SER B 64 13.25 -14.86 4.17
N GLY B 65 13.91 -14.51 5.27
CA GLY B 65 14.77 -13.35 5.30
C GLY B 65 16.07 -13.67 6.01
N SER B 66 17.08 -12.85 5.73
CA SER B 66 18.38 -13.04 6.37
C SER B 66 19.05 -11.69 6.57
N ARG B 67 19.96 -11.66 7.54
CA ARG B 67 20.77 -10.49 7.83
C ARG B 67 22.24 -10.86 7.68
N SER B 68 23.01 -9.93 7.08
CA SER B 68 24.47 -10.01 7.06
C SER B 68 24.97 -8.58 7.23
N GLY B 69 25.36 -8.22 8.45
CA GLY B 69 25.74 -6.85 8.74
C GLY B 69 24.61 -5.87 8.46
N THR B 70 24.79 -5.02 7.45
CA THR B 70 23.76 -4.09 7.02
C THR B 70 23.06 -4.54 5.74
N ASP B 71 23.34 -5.76 5.26
CA ASP B 71 22.73 -6.30 4.07
C ASP B 71 21.57 -7.22 4.47
N PHE B 72 20.37 -6.91 3.97
CA PHE B 72 19.17 -7.66 4.28
C PHE B 72 18.56 -8.20 3.00
N THR B 73 18.10 -9.45 3.05
CA THR B 73 17.65 -10.16 1.86
C THR B 73 16.31 -10.83 2.13
N LEU B 74 15.34 -10.57 1.26
CA LEU B 74 14.09 -11.32 1.24
C LEU B 74 14.16 -12.33 0.09
N THR B 75 13.88 -13.59 0.40
CA THR B 75 13.87 -14.66 -0.60
C THR B 75 12.48 -15.28 -0.67
N ILE B 76 11.96 -15.42 -1.89
CA ILE B 76 10.78 -16.23 -2.15
C ILE B 76 11.26 -17.47 -2.87
N SER B 77 11.22 -18.61 -2.19
CA SER B 77 11.92 -19.79 -2.69
C SER B 77 11.24 -20.40 -3.90
N SER B 78 9.90 -20.34 -3.97
CA SER B 78 9.14 -21.00 -5.03
C SER B 78 7.98 -20.07 -5.39
N LEU B 79 8.22 -19.17 -6.35
CA LEU B 79 7.27 -18.10 -6.64
C LEU B 79 5.93 -18.67 -7.09
N GLN B 80 4.86 -18.19 -6.47
CA GLN B 80 3.49 -18.60 -6.76
C GLN B 80 2.71 -17.45 -7.40
N PRO B 81 1.67 -17.75 -8.18
CA PRO B 81 0.95 -16.66 -8.88
C PRO B 81 0.35 -15.62 -7.96
N GLU B 82 -0.02 -15.99 -6.73
CA GLU B 82 -0.56 -15.04 -5.76
C GLU B 82 0.52 -14.17 -5.14
N ASP B 83 1.78 -14.32 -5.53
CA ASP B 83 2.85 -13.54 -4.95
C ASP B 83 3.12 -12.24 -5.70
N PHE B 84 2.44 -11.99 -6.81
CA PHE B 84 2.57 -10.70 -7.46
C PHE B 84 2.18 -9.61 -6.46
N ALA B 85 3.05 -8.61 -6.31
CA ALA B 85 2.89 -7.56 -5.32
C ALA B 85 4.06 -6.59 -5.47
N THR B 86 4.00 -5.50 -4.72
CA THR B 86 5.18 -4.69 -4.44
C THR B 86 5.63 -5.01 -3.02
N TYR B 87 6.90 -5.37 -2.87
CA TYR B 87 7.48 -5.72 -1.58
C TYR B 87 8.35 -4.57 -1.07
N TYR B 88 8.28 -4.29 0.23
CA TYR B 88 9.03 -3.22 0.87
C TYR B 88 9.84 -3.75 2.03
N CYS B 89 11.10 -3.34 2.14
CA CYS B 89 11.81 -3.45 3.40
C CYS B 89 11.57 -2.20 4.24
N GLN B 90 11.86 -2.34 5.53
CA GLN B 90 11.64 -1.27 6.50
C GLN B 90 12.64 -1.48 7.62
N GLN B 91 13.33 -0.43 8.04
CA GLN B 91 14.09 -0.48 9.27
C GLN B 91 13.29 0.25 10.35
N TYR B 92 13.26 -0.32 11.54
CA TYR B 92 12.45 0.22 12.63
C TYR B 92 13.27 0.33 13.91
N LEU B 93 14.51 0.86 13.78
CA LEU B 93 15.42 0.98 14.92
C LEU B 93 14.78 1.76 16.07
N TYR B 94 13.96 2.75 15.77
CA TYR B 94 13.28 3.51 16.83
C TYR B 94 12.04 4.16 16.24
N TYR B 95 11.06 4.44 17.11
CA TYR B 95 9.74 4.91 16.64
C TYR B 95 9.85 6.10 15.68
N SER B 96 10.76 7.04 15.95
CA SER B 96 10.83 8.26 15.17
C SER B 96 11.74 8.15 13.95
N LEU B 97 12.39 7.00 13.76
CA LEU B 97 13.44 6.84 12.75
C LEU B 97 13.03 6.00 11.56
N VAL B 98 11.79 5.50 11.54
CA VAL B 98 11.34 4.55 10.53
C VAL B 98 11.59 5.08 9.13
N THR B 99 12.23 4.27 8.30
CA THR B 99 12.29 4.51 6.87
C THR B 99 12.00 3.21 6.13
N PHE B 100 11.57 3.32 4.88
CA PHE B 100 11.25 2.20 4.04
C PHE B 100 12.18 2.15 2.84
N GLY B 101 12.37 0.96 2.30
CA GLY B 101 12.98 0.82 1.01
C GLY B 101 12.06 1.33 -0.07
N GLN B 102 12.61 1.50 -1.26
CA GLN B 102 11.85 2.07 -2.36
C GLN B 102 10.83 1.09 -2.94
N GLY B 103 10.88 -0.19 -2.58
CA GLY B 103 9.93 -1.15 -3.07
C GLY B 103 10.46 -1.96 -4.25
N THR B 104 9.91 -3.16 -4.43
CA THR B 104 10.25 -4.02 -5.56
C THR B 104 8.96 -4.62 -6.13
N LYS B 105 8.56 -4.18 -7.33
CA LYS B 105 7.35 -4.71 -7.95
C LYS B 105 7.68 -6.05 -8.61
N VAL B 106 6.96 -7.10 -8.20
CA VAL B 106 7.20 -8.45 -8.70
C VAL B 106 6.06 -8.83 -9.63
N GLU B 107 6.39 -9.13 -10.89
CA GLU B 107 5.43 -9.59 -11.88
C GLU B 107 5.67 -11.07 -12.19
N ILE B 108 4.61 -11.76 -12.62
CA ILE B 108 4.68 -13.19 -12.90
C ILE B 108 4.75 -13.38 -14.42
N LYS B 109 5.74 -14.16 -14.86
CA LYS B 109 5.88 -14.54 -16.25
C LYS B 109 5.11 -15.82 -16.51
N ARG B 110 4.50 -15.93 -17.69
CA ARG B 110 3.72 -17.11 -18.03
C ARG B 110 3.61 -17.24 -19.55
N THR B 111 2.87 -18.25 -19.99
CA THR B 111 2.67 -18.52 -21.40
C THR B 111 1.69 -17.51 -22.01
N VAL B 112 1.80 -17.35 -23.33
CA VAL B 112 0.93 -16.41 -24.04
C VAL B 112 -0.51 -16.86 -23.96
N ALA B 113 -1.42 -15.91 -23.76
CA ALA B 113 -2.86 -16.16 -23.73
C ALA B 113 -3.56 -15.04 -24.49
N ALA B 114 -4.36 -15.41 -25.48
CA ALA B 114 -5.03 -14.41 -26.30
C ALA B 114 -6.21 -13.80 -25.54
N PRO B 115 -6.49 -12.51 -25.74
CA PRO B 115 -7.67 -11.91 -25.11
C PRO B 115 -8.96 -12.27 -25.84
N SER B 116 -10.04 -12.32 -25.08
CA SER B 116 -11.38 -12.33 -25.65
CA SER B 116 -11.38 -12.33 -25.65
C SER B 116 -11.87 -10.88 -25.74
N VAL B 117 -12.32 -10.47 -26.92
CA VAL B 117 -12.62 -9.07 -27.17
C VAL B 117 -14.13 -8.84 -27.21
N PHE B 118 -14.55 -7.72 -26.62
CA PHE B 118 -15.95 -7.30 -26.58
C PHE B 118 -16.00 -5.80 -26.83
N ILE B 119 -17.03 -5.34 -27.55
CA ILE B 119 -17.23 -3.91 -27.73
C ILE B 119 -18.60 -3.52 -27.19
N PHE B 120 -18.68 -2.33 -26.60
CA PHE B 120 -19.90 -1.84 -25.97
C PHE B 120 -20.25 -0.48 -26.56
N PRO B 121 -21.44 -0.31 -27.13
CA PRO B 121 -21.84 1.01 -27.63
C PRO B 121 -22.19 1.94 -26.48
N PRO B 122 -22.26 3.25 -26.73
CA PRO B 122 -22.73 4.15 -25.68
C PRO B 122 -24.21 3.92 -25.40
N SER B 123 -24.60 4.16 -24.15
CA SER B 123 -25.98 4.00 -23.76
C SER B 123 -26.79 5.24 -24.14
N ASP B 124 -28.10 5.02 -24.32
CA ASP B 124 -28.97 6.15 -24.63
C ASP B 124 -28.98 7.18 -23.52
N SER B 125 -28.83 6.74 -22.27
CA SER B 125 -28.86 7.70 -21.17
C SER B 125 -27.62 8.59 -21.19
N GLN B 126 -26.46 8.04 -21.57
CA GLN B 126 -25.28 8.89 -21.67
C GLN B 126 -25.41 9.87 -22.84
N LEU B 127 -25.85 9.36 -23.99
CA LEU B 127 -25.98 10.20 -25.18
C LEU B 127 -26.88 11.41 -24.92
N LYS B 128 -27.92 11.24 -24.12
CA LYS B 128 -28.79 12.38 -23.79
C LYS B 128 -28.02 13.51 -23.13
N SER B 129 -26.92 13.20 -22.43
CA SER B 129 -26.12 14.21 -21.76
C SER B 129 -25.09 14.88 -22.67
N GLY B 130 -24.91 14.39 -23.89
CA GLY B 130 -24.01 15.01 -24.84
C GLY B 130 -22.67 14.32 -25.02
N THR B 131 -22.47 13.16 -24.41
CA THR B 131 -21.20 12.43 -24.49
C THR B 131 -21.47 11.00 -24.98
N ALA B 132 -20.53 10.47 -25.76
CA ALA B 132 -20.59 9.08 -26.23
C ALA B 132 -19.30 8.38 -25.83
N SER B 133 -19.40 7.44 -24.89
CA SER B 133 -18.28 6.60 -24.50
C SER B 133 -18.44 5.24 -25.18
N VAL B 134 -17.44 4.83 -25.93
CA VAL B 134 -17.41 3.51 -26.57
C VAL B 134 -16.30 2.72 -25.91
N VAL B 135 -16.60 1.50 -25.48
CA VAL B 135 -15.67 0.73 -24.65
C VAL B 135 -15.29 -0.56 -25.36
N CYS B 136 -14.00 -0.85 -25.40
CA CYS B 136 -13.48 -2.10 -25.93
C CYS B 136 -12.79 -2.83 -24.78
N LEU B 137 -13.13 -4.10 -24.59
CA LEU B 137 -12.64 -4.89 -23.48
C LEU B 137 -11.77 -6.02 -24.01
N LEU B 138 -10.58 -6.19 -23.42
CA LEU B 138 -9.69 -7.30 -23.71
C LEU B 138 -9.59 -8.11 -22.43
N ASN B 139 -10.05 -9.35 -22.46
CA ASN B 139 -10.28 -10.10 -21.23
C ASN B 139 -9.30 -11.25 -21.13
N ASN B 140 -8.54 -11.27 -20.02
CA ASN B 140 -7.76 -12.42 -19.58
C ASN B 140 -6.69 -12.79 -20.61
N PHE B 141 -5.71 -11.90 -20.76
CA PHE B 141 -4.65 -12.10 -21.74
C PHE B 141 -3.28 -11.93 -21.10
N TYR B 142 -2.27 -12.44 -21.80
CA TYR B 142 -0.88 -12.28 -21.39
C TYR B 142 -0.01 -12.41 -22.63
N PRO B 143 1.04 -11.59 -22.79
CA PRO B 143 1.51 -10.55 -21.87
C PRO B 143 0.71 -9.26 -21.96
N ARG B 144 1.03 -8.28 -21.12
CA ARG B 144 0.21 -7.08 -21.05
C ARG B 144 0.24 -6.29 -22.36
N GLU B 145 1.35 -6.37 -23.10
CA GLU B 145 1.52 -5.54 -24.28
C GLU B 145 0.47 -5.88 -25.33
N ALA B 146 -0.26 -4.86 -25.77
CA ALA B 146 -1.29 -5.03 -26.79
C ALA B 146 -1.48 -3.72 -27.51
N LYS B 147 -2.03 -3.79 -28.72
CA LYS B 147 -2.36 -2.61 -29.51
C LYS B 147 -3.87 -2.60 -29.73
N VAL B 148 -4.52 -1.51 -29.33
CA VAL B 148 -5.96 -1.35 -29.47
C VAL B 148 -6.20 -0.06 -30.26
N GLN B 149 -6.79 -0.20 -31.45
CA GLN B 149 -6.98 0.93 -32.34
C GLN B 149 -8.46 1.13 -32.61
N TRP B 150 -8.92 2.37 -32.51
CA TRP B 150 -10.30 2.72 -32.80
C TRP B 150 -10.43 3.18 -34.25
N LYS B 151 -11.43 2.65 -34.94
CA LYS B 151 -11.75 3.06 -36.30
C LYS B 151 -13.20 3.55 -36.31
N VAL B 152 -13.40 4.77 -36.82
CA VAL B 152 -14.71 5.37 -36.94
C VAL B 152 -14.94 5.64 -38.43
N ASP B 153 -15.84 4.87 -39.03
CA ASP B 153 -15.98 4.83 -40.49
C ASP B 153 -14.60 4.64 -41.15
N ASN B 154 -13.81 3.74 -40.57
CA ASN B 154 -12.48 3.34 -41.00
C ASN B 154 -11.44 4.45 -40.85
N ALA B 155 -11.78 5.56 -40.20
CA ALA B 155 -10.83 6.62 -39.94
C ALA B 155 -10.14 6.35 -38.61
N LEU B 156 -8.82 6.24 -38.63
CA LEU B 156 -8.07 5.93 -37.42
C LEU B 156 -8.14 7.10 -36.45
N GLN B 157 -8.52 6.80 -35.21
CA GLN B 157 -8.68 7.79 -34.16
C GLN B 157 -7.36 8.00 -33.42
N SER B 158 -7.12 9.25 -33.01
CA SER B 158 -5.90 9.61 -32.32
C SER B 158 -6.19 10.65 -31.25
N GLY B 159 -5.77 10.37 -30.02
CA GLY B 159 -5.81 11.34 -28.94
C GLY B 159 -7.09 11.37 -28.12
N ASN B 160 -8.11 10.62 -28.51
CA ASN B 160 -9.41 10.69 -27.85
C ASN B 160 -9.81 9.36 -27.21
N SER B 161 -8.82 8.54 -26.84
CA SER B 161 -9.12 7.30 -26.13
C SER B 161 -8.10 7.11 -25.02
N GLN B 162 -8.49 6.37 -23.98
CA GLN B 162 -7.62 6.11 -22.84
C GLN B 162 -7.77 4.65 -22.43
N GLU B 163 -6.69 4.08 -21.89
CA GLU B 163 -6.64 2.68 -21.53
C GLU B 163 -6.47 2.53 -20.02
N SER B 164 -7.05 1.46 -19.48
CA SER B 164 -6.84 1.04 -18.10
C SER B 164 -6.60 -0.46 -18.11
N VAL B 165 -5.75 -0.94 -17.19
CA VAL B 165 -5.38 -2.34 -17.15
C VAL B 165 -5.49 -2.84 -15.72
N THR B 166 -6.05 -4.03 -15.55
CA THR B 166 -6.13 -4.65 -14.25
C THR B 166 -4.77 -5.20 -13.84
N GLU B 167 -4.63 -5.47 -12.55
CA GLU B 167 -3.43 -6.15 -12.10
C GLU B 167 -3.53 -7.63 -12.44
N GLN B 168 -2.38 -8.31 -12.41
CA GLN B 168 -2.34 -9.71 -12.77
C GLN B 168 -3.30 -10.50 -11.91
N ASP B 169 -4.05 -11.40 -12.54
CA ASP B 169 -4.97 -12.25 -11.80
C ASP B 169 -4.18 -13.15 -10.85
N SER B 170 -4.64 -13.23 -9.60
CA SER B 170 -3.88 -13.96 -8.59
C SER B 170 -3.89 -15.47 -8.81
N LYS B 171 -4.59 -15.97 -9.83
CA LYS B 171 -4.62 -17.39 -10.14
C LYS B 171 -3.99 -17.72 -11.48
N ASP B 172 -4.37 -17.03 -12.55
CA ASP B 172 -3.86 -17.35 -13.88
C ASP B 172 -2.83 -16.36 -14.39
N SER B 173 -2.55 -15.29 -13.65
CA SER B 173 -1.54 -14.30 -13.98
C SER B 173 -1.85 -13.54 -15.27
N THR B 174 -3.11 -13.54 -15.72
CA THR B 174 -3.47 -12.78 -16.90
C THR B 174 -3.88 -11.36 -16.53
N TYR B 175 -4.01 -10.52 -17.57
CA TYR B 175 -4.47 -9.15 -17.44
C TYR B 175 -5.79 -8.99 -18.19
N SER B 176 -6.54 -7.96 -17.82
CA SER B 176 -7.63 -7.47 -18.64
C SER B 176 -7.43 -5.98 -18.92
N LEU B 177 -7.97 -5.50 -20.04
CA LEU B 177 -7.71 -4.14 -20.46
C LEU B 177 -8.99 -3.53 -21.01
N SER B 178 -9.22 -2.27 -20.70
CA SER B 178 -10.30 -1.50 -21.30
C SER B 178 -9.71 -0.33 -22.07
N SER B 179 -10.23 -0.10 -23.27
CA SER B 179 -9.94 1.10 -24.04
C SER B 179 -11.26 1.83 -24.25
N THR B 180 -11.32 3.09 -23.86
CA THR B 180 -12.55 3.86 -23.92
C THR B 180 -12.38 5.02 -24.87
N LEU B 181 -13.15 5.02 -25.94
CA LEU B 181 -13.19 6.13 -26.88
C LEU B 181 -14.27 7.10 -26.45
N THR B 182 -13.92 8.38 -26.32
CA THR B 182 -14.87 9.40 -25.90
C THR B 182 -15.08 10.40 -27.03
N LEU B 183 -16.33 10.58 -27.42
CA LEU B 183 -16.71 11.53 -28.45
C LEU B 183 -17.85 12.39 -27.93
N SER B 184 -17.99 13.58 -28.50
CA SER B 184 -19.22 14.31 -28.23
C SER B 184 -20.38 13.60 -28.93
N LYS B 185 -21.60 13.88 -28.46
CA LYS B 185 -22.77 13.33 -29.14
C LYS B 185 -22.82 13.78 -30.59
N ALA B 186 -22.53 15.06 -30.86
CA ALA B 186 -22.56 15.56 -32.24
C ALA B 186 -21.58 14.81 -33.13
N ASP B 187 -20.36 14.57 -32.64
CA ASP B 187 -19.39 13.81 -33.43
C ASP B 187 -19.82 12.35 -33.58
N TYR B 188 -20.39 11.77 -32.52
CA TYR B 188 -20.85 10.38 -32.61
C TYR B 188 -21.91 10.22 -33.69
N GLU B 189 -22.83 11.16 -33.79
CA GLU B 189 -23.88 11.11 -34.80
C GLU B 189 -23.38 11.41 -36.20
N LYS B 190 -22.14 11.92 -36.34
CA LYS B 190 -21.62 12.19 -37.66
C LYS B 190 -21.22 10.92 -38.40
N HIS B 191 -21.10 9.79 -37.71
CA HIS B 191 -20.53 8.59 -38.30
C HIS B 191 -21.35 7.37 -37.92
N LYS B 192 -21.13 6.28 -38.67
CA LYS B 192 -21.96 5.09 -38.57
C LYS B 192 -21.25 3.89 -37.96
N VAL B 193 -20.10 3.50 -38.46
CA VAL B 193 -19.44 2.25 -38.06
C VAL B 193 -18.38 2.54 -37.01
N TYR B 194 -18.48 1.88 -35.86
CA TYR B 194 -17.54 2.03 -34.77
C TYR B 194 -16.88 0.69 -34.51
N ALA B 195 -15.56 0.64 -34.63
CA ALA B 195 -14.82 -0.61 -34.55
C ALA B 195 -13.58 -0.45 -33.69
N CYS B 196 -13.30 -1.48 -32.88
CA CYS B 196 -12.04 -1.57 -32.17
CA CYS B 196 -12.06 -1.60 -32.13
C CYS B 196 -11.26 -2.77 -32.70
N GLU B 197 -10.02 -2.53 -33.10
CA GLU B 197 -9.15 -3.54 -33.69
C GLU B 197 -8.05 -3.87 -32.69
N VAL B 198 -7.89 -5.16 -32.39
CA VAL B 198 -7.00 -5.63 -31.32
C VAL B 198 -5.88 -6.45 -31.93
N THR B 199 -4.64 -6.06 -31.69
CA THR B 199 -3.47 -6.82 -32.08
C THR B 199 -2.76 -7.29 -30.81
N HIS B 200 -2.44 -8.59 -30.75
CA HIS B 200 -1.80 -9.15 -29.57
C HIS B 200 -1.08 -10.42 -29.98
N GLN B 201 -0.05 -10.77 -29.20
CA GLN B 201 0.83 -11.89 -29.55
C GLN B 201 0.07 -13.20 -29.67
N GLY B 202 -1.05 -13.33 -28.96
CA GLY B 202 -1.82 -14.57 -28.99
C GLY B 202 -2.88 -14.67 -30.07
N LEU B 203 -3.12 -13.58 -30.80
CA LEU B 203 -4.08 -13.56 -31.90
C LEU B 203 -3.34 -13.76 -33.21
N SER B 204 -3.75 -14.79 -33.97
CA SER B 204 -3.10 -15.09 -35.24
C SER B 204 -3.24 -13.95 -36.23
N SER B 205 -4.31 -13.17 -36.14
CA SER B 205 -4.48 -11.96 -36.92
C SER B 205 -5.32 -11.00 -36.11
N PRO B 206 -5.24 -9.70 -36.37
CA PRO B 206 -5.97 -8.74 -35.55
C PRO B 206 -7.47 -9.04 -35.51
N VAL B 207 -8.04 -8.92 -34.31
CA VAL B 207 -9.46 -9.15 -34.09
C VAL B 207 -10.17 -7.81 -34.09
N THR B 208 -11.21 -7.68 -34.91
CA THR B 208 -12.04 -6.49 -34.93
C THR B 208 -13.41 -6.82 -34.33
N LYS B 209 -13.88 -5.94 -33.45
CA LYS B 209 -15.28 -5.94 -33.02
C LYS B 209 -15.88 -4.58 -33.37
N SER B 210 -17.10 -4.59 -33.88
CA SER B 210 -17.71 -3.35 -34.35
C SER B 210 -19.22 -3.36 -34.15
N PHE B 211 -19.79 -2.18 -34.24
CA PHE B 211 -21.24 -2.02 -34.30
C PHE B 211 -21.56 -0.82 -35.17
N ASN B 212 -22.81 -0.75 -35.61
CA ASN B 212 -23.33 0.40 -36.33
C ASN B 212 -24.19 1.25 -35.40
N ARG B 213 -23.88 2.54 -35.30
CA ARG B 213 -24.70 3.45 -34.52
C ARG B 213 -26.17 3.32 -34.92
N GLY B 214 -27.02 3.08 -33.92
CA GLY B 214 -28.44 2.89 -34.16
C GLY B 214 -28.76 1.56 -34.82
N ALA C 1 29.20 -13.52 16.67
CA ALA C 1 29.16 -12.10 17.00
C ALA C 1 30.30 -11.73 17.93
N ASP C 2 30.36 -10.45 18.33
CA ASP C 2 31.39 -9.98 19.25
C ASP C 2 30.77 -8.94 20.18
N LEU C 3 30.54 -9.34 21.43
CA LEU C 3 29.96 -8.45 22.42
C LEU C 3 30.89 -7.29 22.78
N GLU C 4 32.20 -7.49 22.64
CA GLU C 4 33.16 -6.47 23.04
C GLU C 4 33.08 -5.25 22.12
N ASP C 5 32.90 -5.48 20.81
CA ASP C 5 32.82 -4.36 19.88
C ASP C 5 31.55 -3.54 20.12
N ASN C 6 30.47 -4.18 20.55
CA ASN C 6 29.24 -3.44 20.85
C ASN C 6 29.43 -2.52 22.05
N TRP C 7 30.22 -2.94 23.04
CA TRP C 7 30.50 -2.07 24.17
C TRP C 7 31.42 -0.92 23.78
N GLU C 8 32.31 -1.14 22.80
CA GLU C 8 33.09 -0.03 22.26
C GLU C 8 32.18 1.06 21.71
N THR C 9 31.21 0.67 20.87
CA THR C 9 30.26 1.63 20.33
C THR C 9 29.49 2.33 21.44
N LEU C 10 29.05 1.57 22.44
CA LEU C 10 28.27 2.15 23.53
C LEU C 10 29.10 3.16 24.32
N ASN C 11 30.30 2.78 24.73
CA ASN C 11 31.14 3.68 25.52
C ASN C 11 31.60 4.88 24.70
N ASP C 12 32.03 4.66 23.46
CA ASP C 12 32.53 5.77 22.63
C ASP C 12 31.44 6.82 22.41
N ASN C 13 30.22 6.39 22.10
CA ASN C 13 29.16 7.34 21.82
C ASN C 13 28.60 7.99 23.07
N LEU C 14 28.74 7.33 24.23
CA LEU C 14 28.37 8.00 25.47
C LEU C 14 29.30 9.19 25.76
N LYS C 15 30.57 9.07 25.39
CA LYS C 15 31.48 10.21 25.54
C LYS C 15 31.16 11.32 24.54
N VAL C 16 30.74 10.94 23.33
CA VAL C 16 30.31 11.93 22.35
C VAL C 16 29.14 12.73 22.89
N ILE C 17 28.19 12.05 23.55
CA ILE C 17 27.03 12.72 24.11
C ILE C 17 27.43 13.72 25.19
N GLU C 18 28.38 13.33 26.05
CA GLU C 18 28.78 14.20 27.15
C GLU C 18 29.38 15.50 26.66
N LYS C 19 30.14 15.45 25.57
CA LYS C 19 30.85 16.60 25.04
C LYS C 19 30.15 17.22 23.83
N ALA C 20 28.86 16.95 23.66
CA ALA C 20 28.13 17.41 22.49
C ALA C 20 27.65 18.84 22.66
N ASP C 21 27.51 19.54 21.53
CA ASP C 21 27.04 20.91 21.51
C ASP C 21 25.56 21.04 21.19
N ASN C 22 25.01 20.17 20.34
CA ASN C 22 23.65 20.35 19.83
C ASN C 22 22.91 19.02 19.83
N ALA C 23 21.60 19.10 19.61
CA ALA C 23 20.74 17.93 19.76
C ALA C 23 20.96 16.90 18.67
N ALA C 24 21.44 17.34 17.49
CA ALA C 24 21.69 16.41 16.40
C ALA C 24 22.83 15.45 16.74
N GLN C 25 23.95 15.97 17.25
CA GLN C 25 25.04 15.10 17.68
C GLN C 25 24.56 14.10 18.72
N VAL C 26 23.67 14.53 19.62
CA VAL C 26 23.16 13.63 20.65
C VAL C 26 22.27 12.57 20.03
N LYS C 27 21.37 12.98 19.13
CA LYS C 27 20.47 12.01 18.49
C LYS C 27 21.25 11.00 17.68
N ASP C 28 22.29 11.44 16.95
CA ASP C 28 23.07 10.52 16.14
C ASP C 28 23.83 9.52 16.99
N ALA C 29 24.43 9.99 18.09
CA ALA C 29 25.15 9.07 18.98
C ALA C 29 24.20 8.06 19.61
N LEU C 30 23.04 8.52 20.11
CA LEU C 30 22.06 7.61 20.72
C LEU C 30 21.55 6.57 19.73
N THR C 31 21.41 6.96 18.46
CA THR C 31 20.96 6.03 17.45
C THR C 31 21.96 4.90 17.25
N LYS C 32 23.24 5.25 17.14
CA LYS C 32 24.29 4.23 17.07
C LYS C 32 24.33 3.38 18.33
N MET C 33 24.06 3.99 19.50
CA MET C 33 24.03 3.24 20.75
C MET C 33 22.90 2.22 20.76
N ARG C 34 21.72 2.58 20.25
CA ARG C 34 20.59 1.67 20.31
C ARG C 34 20.84 0.44 19.45
N ALA C 35 21.39 0.63 18.25
CA ALA C 35 21.73 -0.51 17.40
C ALA C 35 22.77 -1.40 18.08
N ALA C 36 23.80 -0.80 18.67
CA ALA C 36 24.82 -1.59 19.34
C ALA C 36 24.25 -2.37 20.52
N ALA C 37 23.32 -1.75 21.26
CA ALA C 37 22.73 -2.42 22.41
C ALA C 37 21.85 -3.59 21.97
N LEU C 38 21.11 -3.43 20.87
CA LEU C 38 20.26 -4.51 20.38
C LEU C 38 21.10 -5.72 19.96
N ASP C 39 22.25 -5.48 19.33
CA ASP C 39 23.13 -6.58 18.94
C ASP C 39 23.81 -7.18 20.15
N ALA C 40 24.16 -6.35 21.14
CA ALA C 40 24.83 -6.87 22.33
C ALA C 40 23.93 -7.82 23.11
N GLN C 41 22.63 -7.55 23.11
CA GLN C 41 21.67 -8.40 23.82
C GLN C 41 21.59 -9.80 23.23
N LYS C 42 22.03 -9.99 21.98
CA LYS C 42 21.96 -11.29 21.34
C LYS C 42 23.10 -12.21 21.75
N ALA C 43 24.26 -11.65 22.08
CA ALA C 43 25.45 -12.45 22.32
C ALA C 43 25.44 -13.06 23.72
N THR C 44 26.46 -13.85 24.02
CA THR C 44 26.62 -14.47 25.31
C THR C 44 27.96 -14.06 25.90
N PRO C 45 28.00 -13.64 27.17
CA PRO C 45 29.29 -13.32 27.79
C PRO C 45 30.13 -14.57 27.93
N PRO C 46 31.46 -14.44 27.90
CA PRO C 46 32.33 -15.63 27.96
C PRO C 46 32.29 -16.36 29.29
N LYS C 47 31.51 -15.90 30.27
CA LYS C 47 31.41 -16.56 31.55
C LYS C 47 30.17 -17.43 31.70
N LEU C 48 29.21 -17.32 30.77
CA LEU C 48 27.96 -18.06 30.86
C LEU C 48 27.77 -18.99 29.65
N GLU C 49 28.88 -19.42 29.03
CA GLU C 49 28.79 -20.24 27.84
C GLU C 49 28.39 -21.68 28.13
N ASP C 50 28.55 -22.14 29.37
CA ASP C 50 28.15 -23.50 29.73
C ASP C 50 26.77 -23.55 30.39
N LYS C 51 26.04 -22.45 30.37
CA LYS C 51 24.69 -22.39 30.91
C LYS C 51 23.67 -22.46 29.77
N SER C 52 22.42 -22.12 30.07
CA SER C 52 21.36 -22.21 29.08
C SER C 52 20.85 -20.82 28.71
N PRO C 53 20.40 -20.64 27.46
CA PRO C 53 19.74 -19.38 27.10
C PRO C 53 18.48 -19.10 27.90
N ASP C 54 17.84 -20.13 28.45
CA ASP C 54 16.67 -19.98 29.31
C ASP C 54 17.03 -19.93 30.79
N SER C 55 18.30 -20.08 31.14
CA SER C 55 18.72 -20.05 32.52
C SER C 55 18.51 -18.65 33.10
N PRO C 56 18.39 -18.54 34.43
CA PRO C 56 18.23 -17.20 35.04
C PRO C 56 19.37 -16.26 34.73
N GLU C 57 20.59 -16.77 34.58
CA GLU C 57 21.74 -15.91 34.31
C GLU C 57 21.58 -15.20 32.97
N MET C 58 21.31 -15.95 31.90
CA MET C 58 21.13 -15.33 30.60
C MET C 58 19.86 -14.48 30.55
N LYS C 59 18.81 -14.88 31.28
CA LYS C 59 17.63 -14.04 31.38
C LYS C 59 17.97 -12.69 32.02
N ASP C 60 18.87 -12.71 33.01
CA ASP C 60 19.26 -11.46 33.66
C ASP C 60 20.22 -10.64 32.81
N PHE C 61 21.08 -11.29 32.03
CA PHE C 61 21.95 -10.56 31.11
C PHE C 61 21.13 -9.79 30.08
N ARG C 62 20.15 -10.46 29.47
CA ARG C 62 19.29 -9.78 28.51
C ARG C 62 18.46 -8.70 29.18
N HIS C 63 18.08 -8.91 30.46
CA HIS C 63 17.30 -7.91 31.17
C HIS C 63 18.05 -6.60 31.32
N GLY C 64 19.38 -6.66 31.45
CA GLY C 64 20.17 -5.45 31.57
C GLY C 64 20.10 -4.58 30.32
N PHE C 65 19.98 -5.19 29.14
CA PHE C 65 19.88 -4.40 27.92
C PHE C 65 18.44 -3.93 27.66
N ASP C 66 17.45 -4.67 28.15
CA ASP C 66 16.09 -4.13 28.20
C ASP C 66 16.09 -2.79 28.93
N ILE C 67 16.72 -2.75 30.11
CA ILE C 67 16.82 -1.51 30.86
C ILE C 67 17.66 -0.49 30.10
N LEU C 68 18.79 -0.93 29.54
CA LEU C 68 19.70 0.00 28.87
C LEU C 68 19.03 0.64 27.67
N VAL C 69 18.32 -0.14 26.87
CA VAL C 69 17.66 0.40 25.69
C VAL C 69 16.53 1.33 26.08
N GLY C 70 15.81 1.02 27.16
CA GLY C 70 14.80 1.94 27.65
C GLY C 70 15.38 3.29 28.02
N GLN C 71 16.61 3.29 28.54
CA GLN C 71 17.24 4.56 28.90
C GLN C 71 17.76 5.29 27.68
N ILE C 72 18.26 4.57 26.67
CA ILE C 72 18.56 5.19 25.39
C ILE C 72 17.31 5.87 24.82
N ASP C 73 16.17 5.20 24.94
CA ASP C 73 14.91 5.76 24.46
C ASP C 73 14.48 6.97 25.27
N ASP C 74 14.66 6.94 26.59
CA ASP C 74 14.44 8.13 27.43
C ASP C 74 15.21 9.33 26.87
N ALA C 75 16.49 9.14 26.56
CA ALA C 75 17.29 10.24 26.05
C ALA C 75 16.89 10.63 24.63
N LEU C 76 16.41 9.67 23.83
CA LEU C 76 16.03 9.99 22.45
C LEU C 76 14.81 10.89 22.42
N LYS C 77 13.85 10.66 23.32
CA LYS C 77 12.68 11.52 23.39
C LYS C 77 13.08 12.97 23.57
N LEU C 78 14.06 13.21 24.44
CA LEU C 78 14.47 14.57 24.75
C LEU C 78 15.27 15.18 23.60
N ALA C 79 16.22 14.41 23.06
CA ALA C 79 16.97 14.86 21.89
C ALA C 79 16.04 15.24 20.75
N ASN C 80 14.98 14.45 20.56
CA ASN C 80 13.99 14.74 19.52
C ASN C 80 13.25 16.05 19.79
N GLU C 81 13.14 16.46 21.05
CA GLU C 81 12.57 17.76 21.39
C GLU C 81 13.58 18.89 21.28
N GLY C 82 14.82 18.59 20.87
CA GLY C 82 15.85 19.61 20.82
C GLY C 82 16.44 20.00 22.15
N LYS C 83 16.17 19.23 23.22
CA LYS C 83 16.59 19.58 24.58
C LYS C 83 17.95 18.94 24.85
N VAL C 84 19.01 19.68 24.56
CA VAL C 84 20.37 19.13 24.57
C VAL C 84 20.78 18.74 25.98
N LYS C 85 20.77 19.70 26.92
CA LYS C 85 21.22 19.43 28.28
C LYS C 85 20.39 18.31 28.92
N GLU C 86 19.07 18.33 28.71
CA GLU C 86 18.21 17.28 29.26
C GLU C 86 18.60 15.92 28.72
N ALA C 87 18.85 15.83 27.40
CA ALA C 87 19.21 14.55 26.80
C ALA C 87 20.56 14.05 27.33
N GLN C 88 21.49 14.97 27.56
CA GLN C 88 22.77 14.59 28.14
C GLN C 88 22.59 14.08 29.58
N ALA C 89 21.75 14.77 30.36
CA ALA C 89 21.51 14.33 31.73
C ALA C 89 20.74 13.01 31.77
N ALA C 90 19.91 12.74 30.77
CA ALA C 90 19.20 11.46 30.73
C ALA C 90 20.15 10.32 30.38
N ALA C 91 21.12 10.58 29.49
CA ALA C 91 22.13 9.59 29.16
C ALA C 91 23.04 9.25 30.34
N GLU C 92 23.05 10.07 31.40
CA GLU C 92 23.82 9.71 32.59
C GLU C 92 23.31 8.44 33.24
N GLN C 93 22.03 8.11 33.06
CA GLN C 93 21.52 6.81 33.47
C GLN C 93 22.37 5.69 32.91
N LEU C 94 22.86 5.86 31.68
CA LEU C 94 23.61 4.80 31.01
C LEU C 94 24.93 4.52 31.69
N LYS C 95 25.55 5.53 32.29
CA LYS C 95 26.73 5.29 33.12
C LYS C 95 26.42 4.28 34.21
N THR C 96 25.35 4.52 34.97
CA THR C 96 24.97 3.63 36.05
C THR C 96 24.67 2.23 35.55
N THR C 97 23.85 2.12 34.49
CA THR C 97 23.50 0.81 33.97
C THR C 97 24.74 0.08 33.45
N ARG C 98 25.63 0.79 32.75
CA ARG C 98 26.89 0.19 32.33
C ARG C 98 27.69 -0.30 33.52
N ASN C 99 27.89 0.58 34.51
CA ASN C 99 28.70 0.21 35.68
C ASN C 99 28.15 -1.01 36.38
N ALA C 100 26.82 -1.15 36.44
CA ALA C 100 26.20 -2.25 37.15
C ALA C 100 26.30 -3.58 36.42
N TYR C 101 26.70 -3.58 35.13
CA TYR C 101 26.73 -4.80 34.33
C TYR C 101 28.11 -4.96 33.70
N ILE C 102 29.06 -5.44 34.49
CA ILE C 102 30.39 -5.80 34.02
C ILE C 102 30.69 -7.23 34.46
N GLN C 103 29.68 -8.08 34.46
CA GLN C 103 29.87 -9.49 34.81
C GLN C 103 30.14 -10.32 33.55
#